data_5OO0
#
_entry.id   5OO0
#
_cell.length_a   53.513
_cell.length_b   71.024
_cell.length_c   72.152
_cell.angle_alpha   90.00
_cell.angle_beta   90.00
_cell.angle_gamma   90.00
#
_symmetry.space_group_name_H-M   'P 21 21 21'
#
loop_
_entity.id
_entity.type
_entity.pdbx_description
1 polymer 'Cyclin-dependent kinase 2'
2 non-polymer 'methyl 4-propanoyl-2,3-dihydroquinoxaline-1-carboxylate'
3 water water
#
_entity_poly.entity_id   1
_entity_poly.type   'polypeptide(L)'
_entity_poly.pdbx_seq_one_letter_code
;GPLGSMENFQKVEKIGEGTYGVVYKARNKLTGEVVALKKIRLDTETEGVPSTAIREISLLKELNHPNIVKLLDVIHTENK
LYLVFEFLHQDLKKFMDASALTGIPLPLIKSYLFQLLQGLAFCHSHRVLHRDLKPQNLLINTEGAIKLADFGLARAFGVP
VRTYTHEVVTLWYRAPEILLGCKYYSTAVDIWSLGCIFAEMVTRRALFPGDSEIDQLFRIFRTLGTPDEVVWPGVTSMPD
YKPSFPKWARQDFSKVVPPLDEDGRSLLSQMLHYDPNKRISAKAALAHPFFQDVTKPVPHLRL
;
_entity_poly.pdbx_strand_id   A
#
loop_
_chem_comp.id
_chem_comp.type
_chem_comp.name
_chem_comp.formula
9YZ non-polymer 'methyl 4-propanoyl-2,3-dihydroquinoxaline-1-carboxylate' 'C13 H16 N2 O3'
#
# COMPACT_ATOMS: atom_id res chain seq x y z
N GLU A 7 28.58 -0.14 -14.82
CA GLU A 7 28.84 1.23 -14.35
C GLU A 7 28.10 2.22 -15.25
N ASN A 8 26.95 1.84 -15.79
CA ASN A 8 26.05 2.77 -16.46
C ASN A 8 25.51 3.85 -15.49
N PHE A 9 25.60 3.57 -14.19
CA PHE A 9 24.97 4.40 -13.15
C PHE A 9 25.99 4.64 -12.08
N GLN A 10 26.09 5.91 -11.61
CA GLN A 10 27.03 6.26 -10.54
C GLN A 10 26.20 6.44 -9.28
N LYS A 11 26.63 5.92 -8.14
CA LYS A 11 25.92 6.06 -6.90
C LYS A 11 25.96 7.55 -6.49
N VAL A 12 24.84 8.10 -6.03
CA VAL A 12 24.88 9.45 -5.45
C VAL A 12 24.83 9.28 -3.93
N GLU A 13 23.85 8.53 -3.42
CA GLU A 13 23.76 8.17 -2.02
C GLU A 13 22.77 7.00 -1.73
N LYS A 14 22.84 6.45 -0.52
CA LYS A 14 22.00 5.34 -0.19
C LYS A 14 20.67 5.95 0.17
N ILE A 15 19.60 5.48 -0.43
CA ILE A 15 18.28 5.94 -0.12
C ILE A 15 17.78 5.21 1.11
N GLY A 16 17.87 3.86 1.10
CA GLY A 16 17.53 3.09 2.28
C GLY A 16 17.61 1.60 1.97
N GLU A 17 16.95 0.84 2.84
CA GLU A 17 16.92 -0.62 2.72
C GLU A 17 15.52 -0.92 2.24
N GLY A 18 15.38 -1.68 1.14
CA GLY A 18 14.05 -2.02 0.65
C GLY A 18 13.69 -3.43 1.14
N THR A 19 12.58 -3.88 0.66
CA THR A 19 12.06 -5.24 0.98
C THR A 19 13.06 -6.29 0.48
N TYR A 20 13.57 -6.02 -0.72
CA TYR A 20 14.32 -7.00 -1.46
C TYR A 20 15.76 -6.73 -1.67
N GLY A 21 16.25 -5.53 -1.30
CA GLY A 21 17.67 -5.33 -1.46
C GLY A 21 17.90 -3.84 -1.19
N VAL A 22 19.14 -3.47 -1.34
CA VAL A 22 19.51 -2.04 -1.05
C VAL A 22 18.96 -1.13 -2.16
N VAL A 23 18.71 0.13 -1.77
CA VAL A 23 18.22 1.13 -2.78
C VAL A 23 19.14 2.31 -2.75
N TYR A 24 19.60 2.65 -3.96
CA TYR A 24 20.51 3.80 -4.11
C TYR A 24 19.88 4.88 -4.97
N LYS A 25 20.04 6.14 -4.55
CA LYS A 25 19.89 7.18 -5.57
C LYS A 25 21.12 7.18 -6.44
N ALA A 26 20.95 7.24 -7.77
CA ALA A 26 22.05 7.07 -8.73
C ALA A 26 21.80 7.96 -9.93
N ARG A 27 22.90 8.16 -10.69
CA ARG A 27 22.84 9.00 -11.91
C ARG A 27 23.11 8.15 -13.13
N ASN A 28 22.24 8.22 -14.12
CA ASN A 28 22.49 7.57 -15.43
C ASN A 28 23.61 8.35 -16.13
N LYS A 29 24.74 7.67 -16.34
CA LYS A 29 25.94 8.30 -16.96
C LYS A 29 25.65 8.91 -18.37
N LEU A 30 24.90 8.20 -19.20
CA LEU A 30 24.60 8.68 -20.54
C LEU A 30 23.56 9.79 -20.56
N THR A 31 22.49 9.66 -19.76
CA THR A 31 21.34 10.56 -19.92
C THR A 31 21.38 11.69 -18.95
N GLY A 32 22.16 11.52 -17.87
CA GLY A 32 22.23 12.53 -16.83
C GLY A 32 21.06 12.42 -15.82
N GLU A 33 20.14 11.48 -16.02
CA GLU A 33 18.98 11.41 -15.11
C GLU A 33 19.34 10.75 -13.76
N VAL A 34 18.61 11.16 -12.70
CA VAL A 34 18.77 10.64 -11.35
C VAL A 34 17.63 9.70 -11.19
N VAL A 35 17.92 8.55 -10.58
CA VAL A 35 17.02 7.45 -10.53
C VAL A 35 17.12 6.83 -9.12
N ALA A 36 16.14 5.98 -8.78
CA ALA A 36 16.30 5.09 -7.62
C ALA A 36 16.58 3.72 -8.18
N LEU A 37 17.71 3.17 -7.76
CA LEU A 37 18.15 1.90 -8.37
C LEU A 37 18.05 0.86 -7.24
N LYS A 38 17.23 -0.14 -7.48
CA LYS A 38 16.97 -1.20 -6.48
C LYS A 38 17.65 -2.48 -6.96
N LYS A 39 18.56 -2.95 -6.15
CA LYS A 39 19.12 -4.27 -6.37
C LYS A 39 18.21 -5.34 -5.75
N ILE A 40 17.85 -6.37 -6.51
CA ILE A 40 16.94 -7.44 -6.05
C ILE A 40 17.84 -8.64 -5.74
N ARG A 41 17.82 -9.10 -4.49
CA ARG A 41 18.89 -10.05 -4.04
C ARG A 41 18.74 -11.52 -4.52
N VAL A 49 17.45 -16.32 -11.69
CA VAL A 49 16.27 -15.49 -11.40
C VAL A 49 15.04 -16.26 -11.92
N PRO A 50 14.02 -16.50 -11.05
CA PRO A 50 12.84 -17.30 -11.49
C PRO A 50 12.07 -16.71 -12.67
N SER A 51 11.61 -17.59 -13.55
CA SER A 51 10.86 -17.17 -14.74
C SER A 51 9.56 -16.47 -14.36
N THR A 52 8.96 -16.85 -13.23
CA THR A 52 7.89 -16.05 -12.69
C THR A 52 8.34 -14.57 -12.62
N ALA A 53 9.52 -14.34 -12.01
CA ALA A 53 9.98 -12.98 -11.71
C ALA A 53 10.25 -12.19 -13.02
N ILE A 54 10.91 -12.83 -13.98
CA ILE A 54 11.15 -12.24 -15.34
C ILE A 54 9.88 -11.77 -16.02
N ARG A 55 8.88 -12.64 -16.15
CA ARG A 55 7.65 -12.31 -16.92
C ARG A 55 6.79 -11.34 -16.12
N GLU A 56 6.84 -11.41 -14.79
CA GLU A 56 6.09 -10.45 -14.03
C GLU A 56 6.71 -9.09 -14.25
N ILE A 57 8.04 -9.00 -14.11
CA ILE A 57 8.72 -7.68 -14.15
C ILE A 57 8.53 -7.09 -15.52
N SER A 58 8.46 -7.95 -16.54
CA SER A 58 8.26 -7.50 -17.92
C SER A 58 6.93 -6.83 -18.13
N LEU A 59 5.90 -7.38 -17.57
CA LEU A 59 4.59 -6.76 -17.59
C LEU A 59 4.73 -5.34 -16.96
N LEU A 60 5.49 -5.26 -15.88
CA LEU A 60 5.47 -4.06 -15.10
C LEU A 60 6.09 -2.86 -15.77
N LYS A 61 7.02 -3.07 -16.70
CA LYS A 61 7.63 -1.93 -17.40
C LYS A 61 6.58 -1.21 -18.33
N GLU A 62 5.51 -1.88 -18.68
CA GLU A 62 4.50 -1.26 -19.51
C GLU A 62 3.33 -0.74 -18.70
N LEU A 63 3.36 -0.95 -17.38
CA LEU A 63 2.20 -0.57 -16.51
C LEU A 63 2.50 0.84 -16.03
N ASN A 64 2.24 1.78 -16.95
CA ASN A 64 2.60 3.16 -16.70
C ASN A 64 1.37 4.05 -16.47
N HIS A 65 1.47 4.88 -15.45
CA HIS A 65 0.36 5.78 -15.10
C HIS A 65 0.95 6.90 -14.22
N PRO A 66 0.35 8.08 -14.20
CA PRO A 66 0.95 9.17 -13.44
C PRO A 66 1.00 8.95 -11.92
N ASN A 67 0.24 8.01 -11.38
CA ASN A 67 0.33 7.75 -9.96
C ASN A 67 1.00 6.45 -9.68
N ILE A 68 1.79 5.93 -10.63
CA ILE A 68 2.62 4.74 -10.35
C ILE A 68 4.06 5.18 -10.60
N VAL A 69 4.93 4.93 -9.66
CA VAL A 69 6.35 5.30 -9.83
C VAL A 69 6.87 4.59 -11.07
N LYS A 70 7.49 5.35 -12.00
CA LYS A 70 7.79 4.72 -13.25
C LYS A 70 8.96 3.72 -13.17
N LEU A 71 8.72 2.56 -13.69
CA LEU A 71 9.81 1.59 -13.83
C LEU A 71 10.53 1.99 -15.19
N LEU A 72 11.69 2.61 -15.01
CA LEU A 72 12.49 3.13 -16.24
C LEU A 72 13.09 1.98 -16.99
N ASP A 73 13.63 1.00 -16.28
CA ASP A 73 14.35 -0.06 -16.86
C ASP A 73 14.57 -1.20 -15.92
N VAL A 74 14.85 -2.35 -16.49
CA VAL A 74 15.14 -3.54 -15.79
C VAL A 74 16.41 -4.06 -16.38
N ILE A 75 17.42 -4.15 -15.54
CA ILE A 75 18.72 -4.70 -15.95
C ILE A 75 18.81 -6.09 -15.32
N HIS A 76 19.19 -7.06 -16.16
CA HIS A 76 19.42 -8.39 -15.65
C HIS A 76 20.81 -8.74 -16.10
N THR A 77 21.70 -8.76 -15.14
CA THR A 77 23.12 -8.99 -15.40
C THR A 77 23.67 -9.71 -14.21
N GLU A 78 24.62 -10.60 -14.48
CA GLU A 78 25.24 -11.43 -13.41
C GLU A 78 24.15 -12.23 -12.71
N ASN A 79 24.18 -12.31 -11.37
CA ASN A 79 23.17 -13.13 -10.67
C ASN A 79 21.90 -12.34 -10.52
N LYS A 80 22.03 -11.01 -10.67
CA LYS A 80 21.16 -10.00 -10.06
C LYS A 80 20.18 -9.29 -11.01
N LEU A 81 19.11 -8.80 -10.39
CA LEU A 81 18.13 -8.07 -11.10
C LEU A 81 18.24 -6.67 -10.52
N TYR A 82 18.28 -5.64 -11.36
CA TYR A 82 18.35 -4.24 -10.85
C TYR A 82 17.19 -3.55 -11.50
N LEU A 83 16.37 -2.88 -10.67
CA LEU A 83 15.23 -2.19 -11.21
C LEU A 83 15.58 -0.77 -11.08
N VAL A 84 15.34 -0.01 -12.15
CA VAL A 84 15.63 1.38 -12.19
C VAL A 84 14.29 2.15 -12.21
N PHE A 85 14.07 2.93 -11.17
CA PHE A 85 12.79 3.64 -11.02
C PHE A 85 13.03 5.10 -11.09
N GLU A 86 11.99 5.83 -11.52
CA GLU A 86 11.94 7.29 -11.31
C GLU A 86 12.27 7.62 -9.84
N PHE A 87 13.00 8.68 -9.59
CA PHE A 87 13.28 9.12 -8.24
C PHE A 87 12.28 10.14 -7.72
N LEU A 88 11.70 9.92 -6.51
CA LEU A 88 10.92 10.88 -5.82
C LEU A 88 11.60 11.04 -4.44
N HIS A 89 11.47 12.31 -3.98
CA HIS A 89 12.22 12.78 -2.85
C HIS A 89 11.73 12.44 -1.44
N GLN A 90 10.48 12.06 -1.26
CA GLN A 90 10.07 11.65 0.12
C GLN A 90 8.95 10.63 0.06
N ASP A 91 8.88 9.83 1.12
CA ASP A 91 7.76 8.90 1.26
C ASP A 91 6.70 9.44 2.23
N LEU A 92 5.49 8.82 2.14
CA LEU A 92 4.39 9.30 2.96
C LEU A 92 4.66 9.03 4.46
N LYS A 93 5.41 7.97 4.75
CA LYS A 93 5.70 7.64 6.16
C LYS A 93 6.48 8.82 6.73
N LYS A 94 7.55 9.28 6.02
CA LYS A 94 8.29 10.47 6.51
C LYS A 94 7.46 11.69 6.59
N PHE A 95 6.61 11.91 5.59
CA PHE A 95 5.77 13.09 5.57
C PHE A 95 4.75 13.07 6.76
N MET A 96 4.20 11.92 7.06
CA MET A 96 3.30 11.81 8.20
C MET A 96 4.05 12.09 9.49
N ASP A 97 5.22 11.46 9.67
CA ASP A 97 6.04 11.65 10.95
C ASP A 97 6.34 13.12 11.08
N ALA A 98 6.70 13.81 10.01
CA ALA A 98 7.02 15.26 10.05
C ALA A 98 5.80 16.15 10.27
N SER A 99 4.61 15.63 9.95
CA SER A 99 3.36 16.32 10.12
C SER A 99 2.65 15.93 11.45
N ALA A 100 3.33 15.24 12.37
CA ALA A 100 2.70 14.72 13.57
C ALA A 100 2.02 15.83 14.44
N LEU A 101 2.67 16.97 14.60
CA LEU A 101 2.21 18.03 15.52
C LEU A 101 0.90 18.64 15.05
N THR A 102 0.71 18.73 13.74
CA THR A 102 -0.40 19.42 13.16
C THR A 102 -1.37 18.57 12.34
N GLY A 103 -0.82 17.46 11.82
CA GLY A 103 -1.58 16.61 10.88
C GLY A 103 -1.49 17.09 9.42
N ILE A 104 -1.49 16.15 8.49
CA ILE A 104 -1.64 16.53 7.07
C ILE A 104 -3.03 17.12 6.88
N PRO A 105 -3.08 18.27 6.25
CA PRO A 105 -4.38 18.91 6.08
C PRO A 105 -5.41 18.10 5.31
N LEU A 106 -6.67 18.14 5.68
CA LEU A 106 -7.65 17.26 5.10
C LEU A 106 -7.75 17.39 3.56
N PRO A 107 -7.65 18.61 2.98
CA PRO A 107 -7.70 18.62 1.50
C PRO A 107 -6.52 17.92 0.86
N LEU A 108 -5.40 17.89 1.52
CA LEU A 108 -4.23 17.20 0.96
C LEU A 108 -4.48 15.69 1.18
N ILE A 109 -5.01 15.30 2.38
CA ILE A 109 -5.29 13.88 2.53
C ILE A 109 -6.27 13.42 1.42
N LYS A 110 -7.31 14.19 1.14
CA LYS A 110 -8.28 13.86 0.12
C LYS A 110 -7.66 13.74 -1.29
N SER A 111 -6.82 14.73 -1.65
CA SER A 111 -6.09 14.68 -2.91
C SER A 111 -5.18 13.42 -3.01
N TYR A 112 -4.50 13.08 -1.93
CA TYR A 112 -3.65 11.92 -2.00
C TYR A 112 -4.49 10.67 -2.10
N LEU A 113 -5.56 10.56 -1.33
CA LEU A 113 -6.40 9.33 -1.50
C LEU A 113 -7.02 9.18 -2.92
N PHE A 114 -7.42 10.35 -3.49
CA PHE A 114 -7.99 10.34 -4.80
C PHE A 114 -6.98 9.89 -5.86
N GLN A 115 -5.76 10.41 -5.71
CA GLN A 115 -4.66 10.04 -6.65
C GLN A 115 -4.29 8.58 -6.46
N LEU A 116 -4.21 8.09 -5.22
CA LEU A 116 -3.85 6.69 -5.00
C LEU A 116 -4.94 5.73 -5.56
N LEU A 117 -6.24 6.09 -5.35
CA LEU A 117 -7.30 5.30 -5.96
C LEU A 117 -7.20 5.29 -7.50
N GLN A 118 -6.76 6.40 -8.11
CA GLN A 118 -6.59 6.37 -9.58
C GLN A 118 -5.48 5.40 -9.96
N GLY A 119 -4.37 5.39 -9.24
CA GLY A 119 -3.24 4.42 -9.48
C GLY A 119 -3.77 3.00 -9.32
N LEU A 120 -4.48 2.72 -8.24
CA LEU A 120 -5.04 1.40 -8.02
C LEU A 120 -6.02 1.03 -9.15
N ALA A 121 -6.94 1.92 -9.49
CA ALA A 121 -7.92 1.60 -10.54
C ALA A 121 -7.21 1.25 -11.85
N PHE A 122 -6.12 1.97 -12.19
CA PHE A 122 -5.35 1.59 -13.39
C PHE A 122 -4.78 0.21 -13.26
N CYS A 123 -4.07 -0.04 -12.18
CA CYS A 123 -3.36 -1.35 -12.06
C CYS A 123 -4.36 -2.47 -12.03
N HIS A 124 -5.41 -2.30 -11.24
CA HIS A 124 -6.41 -3.37 -11.15
C HIS A 124 -7.15 -3.65 -12.45
N SER A 125 -7.35 -2.62 -13.28
CA SER A 125 -7.95 -2.84 -14.61
C SER A 125 -7.02 -3.64 -15.45
N HIS A 126 -5.72 -3.68 -15.18
CA HIS A 126 -4.79 -4.57 -15.87
C HIS A 126 -4.54 -5.87 -15.18
N ARG A 127 -5.33 -6.15 -14.12
CA ARG A 127 -5.21 -7.32 -13.23
C ARG A 127 -3.90 -7.43 -12.53
N VAL A 128 -3.27 -6.30 -12.20
CA VAL A 128 -2.03 -6.38 -11.44
C VAL A 128 -2.35 -5.79 -10.03
N LEU A 129 -1.92 -6.52 -9.00
CA LEU A 129 -2.10 -6.08 -7.56
C LEU A 129 -0.81 -5.57 -7.02
N HIS A 130 -0.90 -4.71 -6.00
CA HIS A 130 0.29 -4.39 -5.25
C HIS A 130 0.58 -5.43 -4.20
N ARG A 131 -0.41 -5.68 -3.34
CA ARG A 131 -0.34 -6.67 -2.22
C ARG A 131 0.43 -6.22 -0.98
N ASP A 132 1.30 -5.19 -1.07
CA ASP A 132 2.03 -4.74 0.12
C ASP A 132 2.09 -3.27 0.16
N LEU A 133 0.92 -2.65 0.03
CA LEU A 133 0.89 -1.19 0.12
C LEU A 133 1.09 -0.76 1.55
N LYS A 134 1.80 0.34 1.74
CA LYS A 134 2.16 0.84 3.06
C LYS A 134 2.76 2.24 2.87
N PRO A 135 2.74 3.06 3.91
CA PRO A 135 3.22 4.44 3.72
C PRO A 135 4.63 4.55 3.15
N GLN A 136 5.52 3.56 3.49
CA GLN A 136 6.87 3.62 2.98
C GLN A 136 6.89 3.47 1.47
N ASN A 137 5.89 2.88 0.83
CA ASN A 137 5.82 2.61 -0.64
C ASN A 137 5.01 3.68 -1.36
N LEU A 138 4.57 4.78 -0.63
CA LEU A 138 3.86 5.89 -1.30
C LEU A 138 4.76 7.10 -1.34
N LEU A 139 5.10 7.55 -2.54
CA LEU A 139 6.12 8.60 -2.68
C LEU A 139 5.50 9.85 -3.16
N ILE A 140 6.03 11.00 -2.63
CA ILE A 140 5.37 12.28 -2.96
C ILE A 140 6.45 13.20 -3.56
N ASN A 141 5.93 14.12 -4.33
CA ASN A 141 6.81 15.22 -4.88
C ASN A 141 6.37 16.57 -4.34
N THR A 142 7.11 17.63 -4.65
CA THR A 142 6.75 18.87 -3.93
C THR A 142 5.68 19.60 -4.62
N GLU A 143 5.18 19.10 -5.76
CA GLU A 143 4.05 19.63 -6.50
C GLU A 143 2.64 19.18 -6.12
N GLY A 144 2.57 18.16 -5.32
CA GLY A 144 1.26 17.72 -4.93
C GLY A 144 0.94 16.30 -5.38
N ALA A 145 1.82 15.67 -6.13
CA ALA A 145 1.47 14.30 -6.55
C ALA A 145 1.92 13.27 -5.54
N ILE A 146 1.24 12.12 -5.62
CA ILE A 146 1.65 10.91 -4.83
C ILE A 146 1.56 9.71 -5.73
N LYS A 147 2.53 8.83 -5.57
CA LYS A 147 2.61 7.69 -6.48
C LYS A 147 2.91 6.44 -5.71
N LEU A 148 2.44 5.36 -6.28
CA LEU A 148 2.64 3.98 -5.65
C LEU A 148 3.95 3.37 -6.14
N ALA A 149 4.81 3.01 -5.21
CA ALA A 149 6.12 2.40 -5.51
C ALA A 149 5.96 0.90 -5.35
N ASP A 150 6.81 0.19 -6.04
CA ASP A 150 6.90 -1.33 -5.95
C ASP A 150 5.68 -2.10 -6.31
N PHE A 151 4.81 -1.56 -7.19
CA PHE A 151 3.65 -2.25 -7.61
C PHE A 151 3.97 -3.50 -8.38
N GLY A 152 3.32 -4.62 -8.04
CA GLY A 152 3.61 -5.81 -8.74
C GLY A 152 4.78 -6.66 -8.28
N LEU A 153 5.67 -6.13 -7.39
CA LEU A 153 6.90 -6.80 -7.01
C LEU A 153 6.49 -7.99 -6.15
N ALA A 154 5.41 -7.89 -5.37
CA ALA A 154 5.01 -9.06 -4.54
C ALA A 154 4.69 -10.28 -5.35
N ARG A 155 3.96 -10.15 -6.46
CA ARG A 155 3.67 -11.33 -7.22
C ARG A 155 4.98 -11.84 -7.87
N ALA A 156 5.90 -10.93 -8.21
CA ALA A 156 7.15 -11.35 -8.92
C ALA A 156 8.06 -12.11 -7.98
N PHE A 157 8.21 -11.65 -6.73
CA PHE A 157 9.26 -12.06 -5.85
C PHE A 157 8.75 -12.68 -4.58
N GLY A 158 7.47 -12.54 -4.22
CA GLY A 158 6.87 -12.97 -2.90
C GLY A 158 6.99 -11.80 -1.91
N VAL A 159 6.24 -11.87 -0.80
CA VAL A 159 6.39 -10.87 0.32
C VAL A 159 7.03 -11.64 1.50
N PRO A 160 8.29 -11.35 1.82
CA PRO A 160 8.94 -12.17 2.84
C PRO A 160 8.56 -11.71 4.25
N VAL A 161 8.85 -12.54 5.23
CA VAL A 161 8.53 -12.20 6.61
C VAL A 161 9.51 -11.15 7.12
N ARG A 162 10.81 -11.33 6.78
CA ARG A 162 11.79 -10.30 7.14
C ARG A 162 12.44 -9.93 5.83
N THR A 163 12.99 -8.72 5.81
CA THR A 163 13.79 -8.25 4.62
C THR A 163 15.15 -8.86 4.58
N TYR A 164 15.88 -8.53 3.51
CA TYR A 164 17.23 -9.02 3.41
C TYR A 164 18.15 -8.56 4.57
N THR A 165 17.84 -7.45 5.26
CA THR A 165 18.62 -7.12 6.44
C THR A 165 17.91 -7.45 7.72
N HIS A 166 16.97 -8.39 7.64
CA HIS A 166 16.25 -9.00 8.80
C HIS A 166 15.19 -8.12 9.40
N GLU A 167 14.91 -6.96 8.79
CA GLU A 167 13.86 -6.12 9.31
C GLU A 167 12.50 -6.79 9.09
N VAL A 168 11.61 -6.59 10.07
CA VAL A 168 10.30 -7.17 9.99
C VAL A 168 9.42 -6.45 9.00
N VAL A 169 8.81 -7.20 8.07
CA VAL A 169 7.93 -6.55 7.06
C VAL A 169 6.63 -6.32 7.83
N THR A 170 6.15 -5.12 7.75
CA THR A 170 5.00 -4.78 8.56
C THR A 170 3.72 -5.48 8.19
N LEU A 171 2.94 -5.79 9.24
CA LEU A 171 1.65 -6.46 8.98
C LEU A 171 0.52 -5.43 9.04
N TRP A 172 0.79 -4.18 9.37
CA TRP A 172 -0.29 -3.27 9.81
C TRP A 172 -1.36 -2.99 8.75
N TYR A 173 -1.00 -3.16 7.49
CA TYR A 173 -1.86 -2.86 6.38
C TYR A 173 -2.36 -4.08 5.66
N ARG A 174 -2.15 -5.28 6.25
CA ARG A 174 -2.50 -6.54 5.56
C ARG A 174 -3.99 -6.80 5.71
N ALA A 175 -4.63 -7.22 4.60
CA ALA A 175 -6.01 -7.56 4.65
C ALA A 175 -6.30 -8.85 5.45
N PRO A 176 -7.51 -8.95 6.00
CA PRO A 176 -7.81 -10.09 6.86
C PRO A 176 -7.81 -11.39 6.06
N GLU A 177 -8.19 -11.39 4.81
CA GLU A 177 -8.13 -12.65 4.09
C GLU A 177 -6.69 -13.20 3.96
N ILE A 178 -5.71 -12.31 3.90
CA ILE A 178 -4.33 -12.78 3.84
C ILE A 178 -3.94 -13.31 5.21
N LEU A 179 -4.31 -12.60 6.28
CA LEU A 179 -3.97 -12.97 7.62
C LEU A 179 -4.63 -14.33 8.02
N LEU A 180 -5.80 -14.63 7.44
CA LEU A 180 -6.54 -15.93 7.72
C LEU A 180 -6.10 -16.98 6.79
N GLY A 181 -5.02 -16.73 6.09
CA GLY A 181 -4.32 -17.80 5.27
C GLY A 181 -4.92 -18.08 3.90
N CYS A 182 -5.84 -17.26 3.35
CA CYS A 182 -6.24 -17.40 2.00
C CYS A 182 -5.09 -17.03 1.04
N LYS A 183 -4.83 -17.94 0.09
CA LYS A 183 -3.78 -17.66 -0.83
C LYS A 183 -4.26 -17.08 -2.14
N TYR A 184 -5.55 -16.76 -2.24
CA TYR A 184 -6.04 -16.07 -3.46
C TYR A 184 -6.14 -14.61 -3.10
N TYR A 185 -5.30 -13.81 -3.73
CA TYR A 185 -5.37 -12.39 -3.53
C TYR A 185 -6.16 -11.71 -4.60
N SER A 186 -7.23 -11.02 -4.22
CA SER A 186 -8.00 -10.24 -5.15
C SER A 186 -7.55 -8.78 -4.97
N THR A 187 -7.98 -7.97 -5.93
CA THR A 187 -7.67 -6.53 -5.88
C THR A 187 -8.16 -5.91 -4.61
N ALA A 188 -9.09 -6.49 -3.91
CA ALA A 188 -9.57 -6.00 -2.65
C ALA A 188 -8.48 -5.93 -1.57
N VAL A 189 -7.37 -6.64 -1.77
CA VAL A 189 -6.36 -6.56 -0.66
C VAL A 189 -5.78 -5.14 -0.65
N ASP A 190 -5.66 -4.51 -1.82
CA ASP A 190 -5.07 -3.16 -1.89
C ASP A 190 -6.00 -2.09 -1.42
N ILE A 191 -7.35 -2.23 -1.57
CA ILE A 191 -8.31 -1.34 -1.02
C ILE A 191 -8.26 -1.36 0.50
N TRP A 192 -8.16 -2.59 1.10
CA TRP A 192 -8.01 -2.65 2.57
C TRP A 192 -6.78 -1.84 3.00
N SER A 193 -5.63 -2.09 2.34
CA SER A 193 -4.40 -1.42 2.80
C SER A 193 -4.60 0.09 2.67
N LEU A 194 -5.16 0.53 1.55
CA LEU A 194 -5.31 2.03 1.38
C LEU A 194 -6.28 2.58 2.44
N GLY A 195 -7.32 1.83 2.81
CA GLY A 195 -8.26 2.26 3.88
C GLY A 195 -7.44 2.43 5.17
N CYS A 196 -6.59 1.49 5.53
CA CYS A 196 -5.79 1.67 6.72
C CYS A 196 -4.92 2.90 6.67
N ILE A 197 -4.36 3.17 5.45
CA ILE A 197 -3.48 4.38 5.32
C ILE A 197 -4.31 5.64 5.39
N PHE A 198 -5.51 5.67 4.80
CA PHE A 198 -6.44 6.83 4.91
C PHE A 198 -6.71 7.13 6.40
N ALA A 199 -7.04 6.08 7.17
CA ALA A 199 -7.37 6.28 8.60
C ALA A 199 -6.13 6.84 9.32
N GLU A 200 -4.94 6.36 8.97
CA GLU A 200 -3.69 6.80 9.62
C GLU A 200 -3.40 8.27 9.29
N MET A 201 -3.68 8.69 8.03
CA MET A 201 -3.42 10.11 7.69
C MET A 201 -4.37 10.98 8.56
N VAL A 202 -5.62 10.56 8.68
CA VAL A 202 -6.61 11.39 9.41
C VAL A 202 -6.35 11.48 10.90
N THR A 203 -6.05 10.35 11.51
CA THR A 203 -5.91 10.40 13.02
C THR A 203 -4.52 10.57 13.50
N ARG A 204 -3.52 10.41 12.63
CA ARG A 204 -2.08 10.54 12.95
C ARG A 204 -1.61 9.37 13.79
N ARG A 205 -2.35 8.24 13.76
CA ARG A 205 -1.89 6.99 14.41
C ARG A 205 -2.24 5.82 13.50
N ALA A 206 -1.38 4.82 13.49
CA ALA A 206 -1.77 3.66 12.68
C ALA A 206 -3.03 3.04 13.24
N LEU A 207 -3.83 2.52 12.34
CA LEU A 207 -5.12 1.99 12.72
C LEU A 207 -4.97 0.66 13.43
N PHE A 208 -4.18 -0.27 12.85
CA PHE A 208 -4.04 -1.66 13.43
C PHE A 208 -2.55 -1.99 13.46
N PRO A 209 -1.82 -1.46 14.45
CA PRO A 209 -0.34 -1.70 14.50
C PRO A 209 -0.01 -3.01 15.16
N GLY A 210 -0.43 -4.08 14.49
CA GLY A 210 -0.09 -5.46 15.03
C GLY A 210 1.39 -5.81 14.96
N ASP A 211 1.81 -6.64 15.90
CA ASP A 211 3.18 -7.11 15.88
C ASP A 211 3.35 -8.59 15.78
N SER A 212 2.31 -9.24 15.34
CA SER A 212 2.33 -10.66 14.95
C SER A 212 1.07 -10.88 14.17
N GLU A 213 0.93 -12.02 13.52
CA GLU A 213 -0.30 -12.25 12.69
C GLU A 213 -1.52 -12.24 13.61
N ILE A 214 -1.43 -12.92 14.79
CA ILE A 214 -2.65 -12.98 15.62
C ILE A 214 -2.92 -11.65 16.30
N ASP A 215 -1.89 -10.88 16.65
CA ASP A 215 -2.12 -9.54 17.21
C ASP A 215 -2.75 -8.66 16.17
N GLN A 216 -2.25 -8.77 14.92
CA GLN A 216 -2.88 -7.97 13.83
C GLN A 216 -4.34 -8.35 13.65
N LEU A 217 -4.64 -9.64 13.60
CA LEU A 217 -6.08 -10.03 13.44
C LEU A 217 -6.87 -9.59 14.60
N PHE A 218 -6.39 -9.76 15.84
CA PHE A 218 -7.25 -9.37 16.97
C PHE A 218 -7.37 -7.87 17.10
N ARG A 219 -6.38 -7.07 16.63
CA ARG A 219 -6.64 -5.59 16.63
C ARG A 219 -7.74 -5.25 15.62
N ILE A 220 -7.74 -5.94 14.51
CA ILE A 220 -8.80 -5.74 13.49
C ILE A 220 -10.15 -6.11 14.14
N PHE A 221 -10.19 -7.25 14.80
CA PHE A 221 -11.49 -7.70 15.36
C PHE A 221 -11.96 -6.83 16.49
N ARG A 222 -11.05 -6.26 17.31
CA ARG A 222 -11.53 -5.38 18.41
C ARG A 222 -12.13 -4.09 17.85
N THR A 223 -11.77 -3.63 16.66
CA THR A 223 -12.38 -2.42 16.10
C THR A 223 -13.61 -2.79 15.28
N LEU A 224 -13.48 -3.76 14.35
CA LEU A 224 -14.57 -3.99 13.37
C LEU A 224 -15.54 -5.10 13.74
N GLY A 225 -15.27 -5.73 14.89
CA GLY A 225 -16.00 -6.88 15.35
C GLY A 225 -15.39 -8.18 14.88
N THR A 226 -15.50 -9.26 15.68
CA THR A 226 -15.03 -10.53 15.18
C THR A 226 -15.89 -10.96 14.02
N PRO A 227 -15.33 -11.28 12.83
CA PRO A 227 -16.14 -11.60 11.65
C PRO A 227 -16.80 -12.95 11.84
N ASP A 228 -17.99 -13.03 11.29
CA ASP A 228 -18.76 -14.27 11.29
C ASP A 228 -19.37 -14.46 9.95
N GLU A 229 -20.10 -15.54 9.80
CA GLU A 229 -20.67 -15.89 8.50
C GLU A 229 -21.80 -14.93 7.99
N VAL A 230 -22.33 -14.10 8.87
CA VAL A 230 -23.26 -13.09 8.43
C VAL A 230 -22.58 -11.96 7.62
N VAL A 231 -21.50 -11.44 8.21
CA VAL A 231 -20.80 -10.32 7.55
C VAL A 231 -19.82 -10.79 6.50
N TRP A 232 -19.37 -12.09 6.61
CA TRP A 232 -18.38 -12.56 5.71
C TRP A 232 -18.65 -14.05 5.44
N PRO A 233 -19.53 -14.34 4.51
CA PRO A 233 -19.83 -15.73 4.19
C PRO A 233 -18.60 -16.43 3.74
N GLY A 234 -18.28 -17.55 4.37
CA GLY A 234 -17.09 -18.28 4.02
C GLY A 234 -15.99 -18.13 5.05
N VAL A 235 -16.09 -17.13 5.91
CA VAL A 235 -14.91 -16.81 6.77
C VAL A 235 -14.49 -18.04 7.62
N THR A 236 -15.49 -18.82 8.05
CA THR A 236 -15.15 -19.88 9.03
C THR A 236 -14.48 -21.04 8.29
N SER A 237 -14.42 -20.98 6.97
N SER A 237 -14.39 -21.01 6.95
CA SER A 237 -13.67 -21.94 6.16
CA SER A 237 -13.58 -21.97 6.12
C SER A 237 -12.23 -21.56 5.87
C SER A 237 -12.23 -21.44 5.63
N MET A 238 -11.83 -20.32 6.20
CA MET A 238 -10.46 -19.82 5.91
C MET A 238 -9.45 -20.72 6.54
N PRO A 239 -8.30 -20.92 5.88
CA PRO A 239 -7.31 -21.91 6.43
C PRO A 239 -6.98 -21.73 7.92
N ASP A 240 -6.74 -20.48 8.35
CA ASP A 240 -6.28 -20.18 9.67
C ASP A 240 -7.36 -19.68 10.57
N TYR A 241 -8.64 -19.77 10.20
CA TYR A 241 -9.78 -19.37 11.11
C TYR A 241 -9.88 -20.39 12.21
N LYS A 242 -10.11 -19.91 13.40
CA LYS A 242 -10.29 -20.80 14.58
C LYS A 242 -11.62 -20.38 15.20
N PRO A 243 -12.51 -21.36 15.44
CA PRO A 243 -13.76 -21.08 16.17
C PRO A 243 -13.53 -20.54 17.56
N SER A 244 -12.36 -20.70 18.09
CA SER A 244 -12.09 -20.18 19.43
C SER A 244 -11.63 -18.74 19.45
N PHE A 245 -11.62 -18.03 18.28
CA PHE A 245 -11.25 -16.60 18.37
C PHE A 245 -12.29 -15.93 19.29
N PRO A 246 -11.78 -15.01 20.11
CA PRO A 246 -12.74 -14.26 20.97
C PRO A 246 -13.69 -13.45 20.11
N LYS A 247 -14.90 -13.21 20.62
CA LYS A 247 -15.95 -12.49 19.96
C LYS A 247 -15.97 -11.08 20.56
N TRP A 248 -15.50 -10.11 19.78
CA TRP A 248 -15.54 -8.71 20.08
C TRP A 248 -16.63 -8.03 19.27
N ALA A 249 -17.27 -7.02 19.89
CA ALA A 249 -18.28 -6.27 19.20
C ALA A 249 -17.66 -5.22 18.37
N ARG A 250 -18.36 -4.83 17.31
CA ARG A 250 -17.88 -3.81 16.46
C ARG A 250 -17.98 -2.42 17.06
N GLN A 251 -16.95 -1.61 16.93
CA GLN A 251 -17.06 -0.17 17.32
C GLN A 251 -17.71 0.73 16.25
N ASP A 252 -18.27 1.94 16.62
CA ASP A 252 -18.60 2.89 15.54
C ASP A 252 -17.42 3.56 14.93
N PHE A 253 -17.37 3.74 13.61
CA PHE A 253 -16.35 4.67 12.99
C PHE A 253 -16.23 6.02 13.51
N SER A 254 -17.36 6.51 14.08
CA SER A 254 -17.29 7.78 14.58
C SER A 254 -16.26 7.94 15.69
N LYS A 255 -15.98 6.81 16.35
CA LYS A 255 -14.98 6.84 17.41
C LYS A 255 -13.57 6.57 16.83
N VAL A 256 -13.56 5.91 15.70
CA VAL A 256 -12.28 5.37 15.16
C VAL A 256 -11.52 6.42 14.37
N VAL A 257 -12.22 7.25 13.57
CA VAL A 257 -11.47 8.28 12.76
C VAL A 257 -12.04 9.68 12.88
N PRO A 258 -12.33 10.17 14.15
CA PRO A 258 -12.63 11.63 14.14
C PRO A 258 -11.43 12.44 13.71
N PRO A 259 -11.59 13.59 13.06
CA PRO A 259 -12.86 14.34 12.82
C PRO A 259 -13.32 14.14 11.38
N LEU A 260 -13.04 12.98 10.79
CA LEU A 260 -13.49 12.72 9.42
C LEU A 260 -15.03 12.85 9.29
N ASP A 261 -15.43 13.47 8.17
CA ASP A 261 -16.86 13.75 8.00
C ASP A 261 -17.63 12.46 7.62
N GLU A 262 -18.94 12.59 7.47
CA GLU A 262 -19.72 11.44 7.19
C GLU A 262 -19.44 10.71 5.84
N ASP A 263 -19.16 11.50 4.82
CA ASP A 263 -18.80 10.91 3.54
C ASP A 263 -17.47 10.12 3.63
N GLY A 264 -16.51 10.68 4.36
CA GLY A 264 -15.21 9.97 4.49
C GLY A 264 -15.40 8.74 5.35
N ARG A 265 -16.19 8.85 6.40
CA ARG A 265 -16.44 7.65 7.24
C ARG A 265 -17.16 6.57 6.45
N SER A 266 -18.14 6.94 5.63
CA SER A 266 -18.87 5.93 4.77
C SER A 266 -17.90 5.31 3.80
N LEU A 267 -17.09 6.11 3.15
CA LEU A 267 -16.10 5.55 2.24
C LEU A 267 -15.09 4.58 2.98
N LEU A 268 -14.56 5.01 4.12
CA LEU A 268 -13.64 4.17 4.85
C LEU A 268 -14.30 2.84 5.21
N SER A 269 -15.54 2.95 5.73
CA SER A 269 -16.23 1.71 6.06
C SER A 269 -16.35 0.77 4.91
N GLN A 270 -16.56 1.25 3.69
CA GLN A 270 -16.64 0.35 2.57
C GLN A 270 -15.26 -0.20 2.20
N MET A 271 -14.20 0.56 2.45
CA MET A 271 -12.89 0.05 2.09
C MET A 271 -12.42 -1.00 3.09
N LEU A 272 -13.08 -1.01 4.27
CA LEU A 272 -12.75 -1.97 5.33
C LEU A 272 -13.78 -3.05 5.54
N HIS A 273 -14.67 -3.26 4.57
CA HIS A 273 -15.53 -4.47 4.74
C HIS A 273 -14.70 -5.69 4.82
N TYR A 274 -15.16 -6.65 5.65
CA TYR A 274 -14.37 -7.90 5.80
C TYR A 274 -14.37 -8.76 4.54
N ASP A 275 -15.59 -8.94 3.94
CA ASP A 275 -15.63 -9.82 2.78
C ASP A 275 -15.02 -9.08 1.59
N PRO A 276 -13.95 -9.58 1.01
CA PRO A 276 -13.36 -8.88 -0.20
C PRO A 276 -14.41 -8.69 -1.28
N ASN A 277 -15.43 -9.56 -1.33
CA ASN A 277 -16.39 -9.38 -2.35
C ASN A 277 -17.31 -8.25 -2.08
N LYS A 278 -17.41 -7.72 -0.85
CA LYS A 278 -18.25 -6.57 -0.52
C LYS A 278 -17.44 -5.28 -0.53
N ARG A 279 -16.11 -5.38 -0.46
CA ARG A 279 -15.30 -4.19 -0.23
C ARG A 279 -15.35 -3.33 -1.55
N ILE A 280 -15.38 -2.05 -1.41
CA ILE A 280 -15.56 -1.14 -2.55
C ILE A 280 -14.36 -1.28 -3.50
N SER A 281 -14.59 -1.14 -4.79
CA SER A 281 -13.48 -1.21 -5.75
C SER A 281 -12.88 0.20 -5.86
N ALA A 282 -11.71 0.22 -6.45
CA ALA A 282 -11.07 1.57 -6.63
C ALA A 282 -11.91 2.46 -7.59
N LYS A 283 -12.40 1.83 -8.65
CA LYS A 283 -13.23 2.62 -9.59
C LYS A 283 -14.46 3.19 -8.85
N ALA A 284 -15.19 2.35 -8.10
CA ALA A 284 -16.36 2.84 -7.35
C ALA A 284 -16.00 3.88 -6.32
N ALA A 285 -14.85 3.69 -5.64
CA ALA A 285 -14.42 4.69 -4.65
C ALA A 285 -14.20 6.03 -5.28
N LEU A 286 -13.71 6.03 -6.56
CA LEU A 286 -13.42 7.38 -7.15
C LEU A 286 -14.73 8.16 -7.35
N ALA A 287 -15.80 7.47 -7.55
CA ALA A 287 -17.12 8.08 -7.68
C ALA A 287 -17.82 8.53 -6.36
N HIS A 288 -17.21 8.23 -5.22
CA HIS A 288 -17.89 8.45 -4.01
C HIS A 288 -18.05 9.91 -3.71
N PRO A 289 -19.14 10.30 -3.08
CA PRO A 289 -19.29 11.74 -2.80
C PRO A 289 -18.24 12.36 -1.95
N PHE A 290 -17.41 11.60 -1.20
CA PHE A 290 -16.30 12.17 -0.52
C PHE A 290 -15.38 12.99 -1.48
N PHE A 291 -15.35 12.67 -2.78
CA PHE A 291 -14.42 13.33 -3.65
C PHE A 291 -15.09 14.49 -4.41
N GLN A 292 -16.33 14.79 -4.00
CA GLN A 292 -17.06 15.88 -4.72
C GLN A 292 -16.22 17.16 -4.79
N ASP A 293 -15.61 17.49 -3.68
CA ASP A 293 -14.87 18.75 -3.58
C ASP A 293 -13.38 18.59 -3.68
N VAL A 294 -12.92 17.47 -4.28
CA VAL A 294 -11.44 17.22 -4.28
C VAL A 294 -10.70 18.29 -5.09
N THR A 295 -9.52 18.65 -4.62
CA THR A 295 -8.64 19.63 -5.22
C THR A 295 -7.22 19.02 -5.17
N LYS A 296 -6.23 19.72 -5.70
CA LYS A 296 -4.82 19.30 -5.71
C LYS A 296 -3.92 20.34 -5.07
N PRO A 297 -3.85 20.38 -3.72
CA PRO A 297 -3.03 21.33 -3.05
C PRO A 297 -1.57 21.07 -3.22
N VAL A 298 -0.78 22.13 -3.03
CA VAL A 298 0.71 22.08 -2.93
C VAL A 298 1.10 21.86 -1.48
N PRO A 299 1.85 20.83 -1.19
CA PRO A 299 2.17 20.46 0.18
C PRO A 299 3.32 21.23 0.77
N HIS A 300 3.39 21.35 2.08
CA HIS A 300 4.60 21.90 2.73
C HIS A 300 5.77 20.84 2.56
N LEU A 301 6.49 20.92 1.41
CA LEU A 301 7.49 19.91 0.92
C LEU A 301 7.04 18.45 0.83
C1 9YZ B . -9.72 -18.76 -0.86
C2 9YZ B . -8.74 -18.47 0.32
C4 9YZ B . -13.29 -19.53 1.18
C5 9YZ B . -15.59 -19.12 0.68
C6 9YZ B . -16.86 -21.30 1.13
C7 9YZ B . -12.88 -16.82 0.22
C9 9YZ B . -15.10 -16.23 0.96
C10 9YZ B . -14.82 -14.88 0.73
C12 9YZ B . -12.57 -15.48 -0.07
O2 9YZ B . -16.57 -18.50 0.31
O1 9YZ B . -15.62 -20.53 0.99
N1 9YZ B . -14.38 -18.58 0.88
C3 9YZ B . -11.97 -18.84 1.18
C8 9YZ B . -14.15 -17.18 0.71
C11 9YZ B . -13.55 -14.52 0.25
N 9YZ B . -11.91 -17.87 0.07
C 9YZ B . -11.00 -17.88 -0.97
O 9YZ B . -11.16 -17.18 -1.97
#